data_4P1E
#
_entry.id   4P1E
#
_cell.length_a   67.820
_cell.length_b   67.820
_cell.length_c   156.351
_cell.angle_alpha   90.000
_cell.angle_beta   90.000
_cell.angle_gamma   120.000
#
_symmetry.space_group_name_H-M   'P 32 2 1'
#
loop_
_entity.id
_entity.type
_entity.pdbx_description
1 polymer 'TRAP dicarboxylate transporter, DctP subunit'
2 non-polymer 'IODIDE ION'
3 water water
#
_entity_poly.entity_id   1
_entity_poly.type   'polypeptide(L)'
_entity_poly.pdbx_seq_one_letter_code
;MKINTISALSKLACLLPLLMVDASFAAESLNVSTSLSPDDPIYKGLQSFKKGVESRTNGEVKIKLFSSGQLGADNELLQH
AQAGSNVGVVVDGARLAQFVPEFAIIPAPFVFKDYTTLKKFISSPVFAQWSEQMSSKSGLTPLSFNWYQGARMLVTQKPV
SKPSDLNGVRVRALEAPVTIETIKCMGGSPTPLSWSEIYSSIQTGVVDAAEAQPTAVYGSKLYEITKHITKTNHIHLMTG
IIVSQKWLSSLTAEQQTILREEAQKNGDIASENTILAGDKMLDEMAKKGMTISEVDTQPFIDGCRYVPEKLGLSEAYKQV
NSIINAENLYFQGHHHHHHHHHH
;
_entity_poly.pdbx_strand_id   A
#
# COMPACT_ATOMS: atom_id res chain seq x y z
N ALA A 27 16.34 17.19 -23.48
CA ALA A 27 15.64 17.18 -22.21
C ALA A 27 14.76 15.94 -22.05
N GLU A 28 14.41 15.64 -20.81
CA GLU A 28 13.60 14.46 -20.51
C GLU A 28 12.68 14.75 -19.35
N SER A 29 11.60 13.99 -19.27
CA SER A 29 10.72 14.18 -18.14
C SER A 29 9.86 12.97 -17.85
N LEU A 30 9.46 12.88 -16.57
CA LEU A 30 8.53 11.88 -16.07
C LEU A 30 7.37 12.62 -15.41
N ASN A 31 6.16 12.17 -15.74
CA ASN A 31 4.90 12.69 -15.22
C ASN A 31 4.35 11.65 -14.26
N VAL A 32 4.24 11.97 -12.98
CA VAL A 32 3.78 10.99 -12.04
C VAL A 32 2.34 11.32 -11.69
N SER A 33 1.43 10.39 -12.00
CA SER A 33 0.04 10.57 -11.61
C SER A 33 -0.20 10.06 -10.15
N THR A 34 -0.73 10.94 -9.32
CA THR A 34 -0.84 10.72 -7.87
C THR A 34 -2.32 10.84 -7.48
N SER A 35 -2.70 10.23 -6.36
CA SER A 35 -4.09 10.31 -5.90
C SER A 35 -4.18 10.79 -4.47
N LEU A 36 -3.04 11.14 -3.89
CA LEU A 36 -2.95 11.50 -2.47
C LEU A 36 -3.01 13.02 -2.27
N SER A 37 -3.43 13.45 -1.09
CA SER A 37 -3.44 14.88 -0.75
C SER A 37 -2.00 15.41 -0.71
N PRO A 38 -1.81 16.71 -1.01
CA PRO A 38 -0.42 17.19 -0.98
C PRO A 38 0.19 17.24 0.41
N ASP A 39 -0.61 17.05 1.44
CA ASP A 39 -0.05 16.98 2.78
C ASP A 39 0.30 15.56 3.17
N ASP A 40 0.04 14.58 2.32
CA ASP A 40 0.42 13.21 2.67
C ASP A 40 1.94 13.04 2.54
N PRO A 41 2.56 12.28 3.47
CA PRO A 41 3.99 11.91 3.41
C PRO A 41 4.43 11.35 2.06
N ILE A 42 3.57 10.58 1.40
CA ILE A 42 3.96 10.00 0.13
C ILE A 42 4.11 11.11 -0.90
N TYR A 43 3.21 12.09 -0.86
CA TYR A 43 3.26 13.19 -1.80
C TYR A 43 4.47 14.08 -1.56
N LYS A 44 4.77 14.35 -0.29
CA LYS A 44 5.95 15.16 0.02
C LYS A 44 7.23 14.40 -0.34
N GLY A 45 7.17 13.07 -0.29
CA GLY A 45 8.30 12.23 -0.69
C GLY A 45 8.53 12.34 -2.19
N LEU A 46 7.44 12.31 -2.96
CA LEU A 46 7.50 12.59 -4.40
C LEU A 46 8.07 13.96 -4.73
N GLN A 47 7.79 14.93 -3.87
CA GLN A 47 8.38 16.25 -4.01
C GLN A 47 9.88 16.20 -3.75
N SER A 48 10.29 15.46 -2.72
CA SER A 48 11.72 15.31 -2.44
C SER A 48 12.41 14.57 -3.58
N PHE A 49 11.70 13.60 -4.14
CA PHE A 49 12.17 12.84 -5.31
C PHE A 49 12.39 13.77 -6.50
N LYS A 50 11.38 14.57 -6.83
CA LYS A 50 11.54 15.62 -7.84
C LYS A 50 12.79 16.45 -7.54
N LYS A 51 12.87 17.06 -6.37
CA LYS A 51 14.05 17.87 -6.02
C LYS A 51 15.36 17.13 -6.26
N GLY A 52 15.46 15.86 -5.84
CA GLY A 52 16.69 15.11 -5.97
C GLY A 52 17.11 14.91 -7.43
N VAL A 53 16.16 14.47 -8.24
CA VAL A 53 16.38 14.15 -9.66
C VAL A 53 16.76 15.42 -10.43
N GLU A 54 16.02 16.50 -10.21
CA GLU A 54 16.23 17.72 -10.98
C GLU A 54 17.57 18.35 -10.57
N SER A 55 17.86 18.29 -9.27
CA SER A 55 19.16 18.76 -8.81
C SER A 55 20.30 18.01 -9.49
N ARG A 56 20.27 16.68 -9.42
CA ARG A 56 21.40 15.90 -9.87
C ARG A 56 21.57 15.93 -11.39
N THR A 57 20.48 16.20 -12.11
CA THR A 57 20.59 16.30 -13.56
C THR A 57 20.62 17.74 -14.03
N ASN A 58 20.78 18.66 -13.07
CA ASN A 58 20.66 20.08 -13.38
C ASN A 58 19.49 20.34 -14.29
N GLY A 59 18.35 19.74 -14.01
CA GLY A 59 17.13 20.02 -14.74
C GLY A 59 16.91 19.25 -16.04
N GLU A 60 17.89 18.46 -16.46
CA GLU A 60 17.77 17.70 -17.70
C GLU A 60 16.69 16.64 -17.64
N VAL A 61 16.37 16.19 -16.42
CA VAL A 61 15.24 15.32 -16.21
C VAL A 61 14.29 15.98 -15.20
N LYS A 62 13.05 16.26 -15.61
CA LYS A 62 12.13 17.00 -14.75
C LYS A 62 11.07 16.02 -14.29
N ILE A 63 10.59 16.19 -13.05
CA ILE A 63 9.54 15.33 -12.50
C ILE A 63 8.29 16.18 -12.29
N LYS A 64 7.19 15.77 -12.91
CA LYS A 64 5.94 16.48 -12.74
C LYS A 64 4.95 15.59 -12.02
N LEU A 65 4.32 16.18 -11.00
CA LEU A 65 3.35 15.48 -10.18
C LEU A 65 1.98 16.00 -10.52
N PHE A 66 1.07 15.09 -10.86
CA PHE A 66 -0.27 15.47 -11.31
C PHE A 66 -1.37 14.95 -10.36
N SER A 67 -2.37 15.79 -10.08
CA SER A 67 -3.59 15.31 -9.40
C SER A 67 -4.54 14.66 -10.41
N GLN A 70 -6.06 13.66 -13.47
CA GLN A 70 -5.86 14.54 -14.60
C GLN A 70 -5.38 13.69 -15.77
N LEU A 71 -4.37 12.89 -15.49
CA LEU A 71 -3.75 12.05 -16.51
C LEU A 71 -4.52 10.77 -16.81
N GLY A 72 -5.42 10.33 -15.93
CA GLY A 72 -6.14 9.09 -16.18
C GLY A 72 -6.08 8.05 -15.07
N ALA A 73 -6.90 7.01 -15.19
CA ALA A 73 -7.00 5.98 -14.16
C ALA A 73 -5.78 5.08 -14.24
N ASP A 74 -5.38 4.51 -13.12
CA ASP A 74 -4.11 3.77 -13.04
C ASP A 74 -4.00 2.69 -14.11
N ASN A 75 -5.11 2.08 -14.42
CA ASN A 75 -5.01 0.93 -15.30
C ASN A 75 -4.74 1.35 -16.76
N GLU A 76 -5.33 2.46 -17.17
CA GLU A 76 -5.11 2.96 -18.52
C GLU A 76 -3.71 3.60 -18.63
N LEU A 77 -3.22 4.18 -17.53
CA LEU A 77 -1.89 4.75 -17.49
C LEU A 77 -0.82 3.66 -17.65
N LEU A 78 -1.03 2.52 -17.00
CA LEU A 78 -0.09 1.43 -17.10
C LEU A 78 0.00 0.91 -18.54
N GLN A 79 -1.13 0.82 -19.25
CA GLN A 79 -1.13 0.41 -20.67
C GLN A 79 -0.31 1.40 -21.51
N HIS A 80 -0.46 2.67 -21.21
CA HIS A 80 0.27 3.68 -21.98
C HIS A 80 1.74 3.57 -21.70
N ALA A 81 2.07 3.29 -20.46
CA ALA A 81 3.45 3.16 -20.04
C ALA A 81 4.07 1.95 -20.76
N GLN A 82 3.32 0.86 -20.87
CA GLN A 82 3.76 -0.28 -21.68
C GLN A 82 4.16 0.17 -23.09
N ALA A 83 3.33 1.01 -23.68
CA ALA A 83 3.52 1.48 -25.05
C ALA A 83 4.69 2.47 -25.16
N GLY A 84 5.25 2.90 -24.04
CA GLY A 84 6.34 3.86 -24.09
C GLY A 84 6.08 5.26 -23.51
N SER A 85 4.92 5.53 -22.90
CA SER A 85 4.66 6.86 -22.32
C SER A 85 5.64 7.22 -21.22
N ASN A 86 5.89 8.52 -21.05
CA ASN A 86 6.68 8.98 -19.91
C ASN A 86 5.74 9.30 -18.75
N VAL A 87 4.81 8.40 -18.47
CA VAL A 87 3.88 8.60 -17.34
C VAL A 87 4.13 7.53 -16.29
N GLY A 88 4.03 7.89 -15.02
CA GLY A 88 4.28 6.92 -13.97
C GLY A 88 3.18 6.95 -12.95
N VAL A 89 3.13 5.94 -12.10
CA VAL A 89 2.07 5.90 -11.10
C VAL A 89 2.60 5.19 -9.85
N VAL A 90 2.05 5.52 -8.67
CA VAL A 90 2.43 4.88 -7.45
C VAL A 90 1.38 3.84 -7.09
N VAL A 91 1.72 2.56 -7.28
CA VAL A 91 0.76 1.45 -7.13
C VAL A 91 1.31 0.26 -6.33
N ASP A 92 0.39 -0.63 -5.93
CA ASP A 92 0.72 -1.72 -5.01
C ASP A 92 0.75 -3.04 -5.77
N GLY A 93 0.95 -4.12 -5.01
CA GLY A 93 1.01 -5.46 -5.59
C GLY A 93 -0.26 -5.95 -6.27
N ALA A 94 -1.41 -5.54 -5.74
CA ALA A 94 -2.66 -6.01 -6.30
C ALA A 94 -2.80 -5.50 -7.75
N ARG A 95 -2.45 -4.25 -7.96
CA ARG A 95 -2.52 -3.67 -9.29
C ARG A 95 -1.52 -4.31 -10.27
N LEU A 96 -0.37 -4.72 -9.77
CA LEU A 96 0.64 -5.32 -10.64
C LEU A 96 0.46 -6.82 -10.81
N ALA A 97 -0.41 -7.44 -10.01
CA ALA A 97 -0.70 -8.88 -10.17
C ALA A 97 -1.13 -9.24 -11.60
N GLN A 98 -1.75 -8.30 -12.31
CA GLN A 98 -2.20 -8.55 -13.69
C GLN A 98 -1.04 -8.79 -14.62
N PHE A 99 0.14 -8.29 -14.23
CA PHE A 99 1.37 -8.50 -15.02
C PHE A 99 2.19 -9.69 -14.47
N VAL A 100 2.36 -9.74 -13.15
CA VAL A 100 3.10 -10.82 -12.52
C VAL A 100 2.30 -11.24 -11.29
N PRO A 101 1.64 -12.40 -11.38
CA PRO A 101 0.60 -12.72 -10.39
C PRO A 101 1.11 -12.87 -8.97
N GLU A 102 2.40 -13.15 -8.78
CA GLU A 102 2.98 -13.27 -7.44
C GLU A 102 2.75 -12.00 -6.62
N PHE A 103 2.73 -10.86 -7.30
CA PHE A 103 2.67 -9.59 -6.60
C PHE A 103 1.48 -9.49 -5.66
N ALA A 104 0.41 -10.23 -5.97
CA ALA A 104 -0.80 -10.23 -5.16
C ALA A 104 -0.62 -10.74 -3.70
N ILE A 105 0.50 -11.39 -3.40
CA ILE A 105 0.72 -11.85 -2.03
C ILE A 105 1.12 -10.72 -1.08
N ILE A 106 1.66 -9.65 -1.63
CA ILE A 106 2.23 -8.60 -0.78
C ILE A 106 1.13 -7.95 0.04
N PRO A 107 -0.06 -7.73 -0.55
CA PRO A 107 -1.10 -7.16 0.31
C PRO A 107 -1.96 -8.19 1.05
N ALA A 108 -1.52 -9.45 1.09
CA ALA A 108 -2.36 -10.45 1.73
C ALA A 108 -2.21 -10.35 3.25
N PRO A 109 -3.20 -10.85 4.00
CA PRO A 109 -3.21 -10.67 5.45
C PRO A 109 -2.17 -11.53 6.20
N PHE A 110 -1.48 -10.91 7.16
CA PHE A 110 -0.55 -11.62 8.04
C PHE A 110 0.57 -12.35 7.31
N VAL A 111 1.06 -11.78 6.21
CA VAL A 111 2.24 -12.34 5.53
C VAL A 111 3.53 -11.84 6.22
N PHE A 112 3.55 -10.56 6.56
CA PHE A 112 4.75 -9.95 7.15
C PHE A 112 4.55 -9.59 8.60
N LYS A 113 5.44 -10.11 9.46
CA LYS A 113 5.23 -9.91 10.89
C LYS A 113 5.37 -8.46 11.30
N ASP A 114 6.18 -7.70 10.55
CA ASP A 114 6.31 -6.27 10.80
C ASP A 114 6.92 -5.56 9.59
N TYR A 115 7.06 -4.24 9.69
CA TYR A 115 7.57 -3.41 8.62
C TYR A 115 9.00 -3.79 8.19
N THR A 116 9.91 -4.04 9.13
CA THR A 116 11.27 -4.39 8.73
C THR A 116 11.30 -5.76 8.03
N THR A 117 10.39 -6.65 8.38
CA THR A 117 10.38 -7.95 7.73
C THR A 117 9.87 -7.79 6.30
N LEU A 118 8.92 -6.90 6.13
CA LEU A 118 8.42 -6.55 4.81
C LEU A 118 9.55 -6.03 3.94
N LYS A 119 10.34 -5.10 4.49
CA LYS A 119 11.48 -4.54 3.74
C LYS A 119 12.50 -5.64 3.33
N LYS A 120 12.77 -6.57 4.24
CA LYS A 120 13.68 -7.67 3.98
C LYS A 120 13.21 -8.44 2.76
N PHE A 121 11.91 -8.74 2.69
CA PHE A 121 11.40 -9.40 1.49
C PHE A 121 11.45 -8.59 0.20
N ILE A 122 11.02 -7.34 0.24
CA ILE A 122 11.07 -6.48 -0.96
C ILE A 122 12.50 -6.38 -1.50
N SER A 123 13.49 -6.35 -0.62
CA SER A 123 14.90 -6.23 -1.03
C SER A 123 15.56 -7.55 -1.44
N SER A 124 14.81 -8.64 -1.36
CA SER A 124 15.41 -9.95 -1.59
C SER A 124 15.47 -10.31 -3.06
N PRO A 125 16.23 -11.38 -3.37
CA PRO A 125 16.36 -11.80 -4.77
C PRO A 125 15.06 -12.31 -5.39
N VAL A 126 14.15 -12.82 -4.57
CA VAL A 126 12.87 -13.33 -5.05
C VAL A 126 12.05 -12.22 -5.60
N PHE A 127 12.06 -11.08 -4.91
CA PHE A 127 11.28 -9.95 -5.36
C PHE A 127 11.95 -9.39 -6.61
N ALA A 128 13.30 -9.38 -6.60
CA ALA A 128 14.07 -8.88 -7.75
C ALA A 128 13.68 -9.67 -9.00
N GLN A 129 13.47 -10.99 -8.84
CA GLN A 129 13.04 -11.88 -9.93
C GLN A 129 11.64 -11.51 -10.45
N TRP A 130 10.70 -11.23 -9.54
CA TRP A 130 9.37 -10.79 -9.93
C TRP A 130 9.42 -9.45 -10.67
N SER A 131 10.21 -8.49 -10.18
CA SER A 131 10.35 -7.22 -10.90
C SER A 131 11.00 -7.44 -12.27
N GLU A 132 11.97 -8.33 -12.34
CA GLU A 132 12.65 -8.54 -13.63
C GLU A 132 11.64 -9.12 -14.60
N GLN A 133 10.78 -10.02 -14.11
CA GLN A 133 9.76 -10.62 -14.96
C GLN A 133 8.79 -9.56 -15.50
N MET A 134 8.39 -8.61 -14.65
CA MET A 134 7.49 -7.53 -15.10
C MET A 134 8.18 -6.66 -16.16
N SER A 135 9.45 -6.41 -15.95
CA SER A 135 10.18 -5.53 -16.83
C SER A 135 10.36 -6.19 -18.19
N SER A 136 10.79 -7.45 -18.20
CA SER A 136 11.15 -8.10 -19.45
C SER A 136 9.92 -8.62 -20.18
N LYS A 137 8.85 -8.97 -19.47
CA LYS A 137 7.71 -9.60 -20.11
C LYS A 137 6.53 -8.65 -20.26
N SER A 138 6.43 -7.64 -19.39
CA SER A 138 5.33 -6.69 -19.45
C SER A 138 5.75 -5.24 -19.72
N GLY A 139 7.04 -4.98 -19.91
CA GLY A 139 7.49 -3.64 -20.26
C GLY A 139 7.25 -2.57 -19.20
N LEU A 140 7.08 -2.99 -17.93
CA LEU A 140 6.97 -2.06 -16.81
C LEU A 140 8.02 -2.39 -15.72
N THR A 141 8.47 -1.34 -15.02
CA THR A 141 9.57 -1.48 -14.06
C THR A 141 9.42 -0.52 -12.89
N PRO A 142 9.56 -1.03 -11.63
CA PRO A 142 9.56 -0.09 -10.51
C PRO A 142 10.90 0.63 -10.45
N LEU A 143 10.87 1.94 -10.33
CA LEU A 143 12.09 2.67 -10.03
C LEU A 143 12.56 2.27 -8.61
N SER A 144 11.60 2.01 -7.72
CA SER A 144 11.86 1.36 -6.44
C SER A 144 10.50 0.85 -5.93
N PHE A 145 10.48 -0.03 -4.94
CA PHE A 145 9.22 -0.53 -4.41
C PHE A 145 9.21 -0.44 -2.89
N ASN A 146 9.66 0.71 -2.38
CA ASN A 146 9.75 0.88 -0.92
C ASN A 146 9.02 2.16 -0.46
N TRP A 147 7.95 2.48 -1.16
CA TRP A 147 7.08 3.57 -0.78
C TRP A 147 5.97 3.00 0.12
N TYR A 148 6.21 3.04 1.43
CA TYR A 148 5.35 2.39 2.41
C TYR A 148 4.21 3.31 2.78
N GLN A 149 2.98 2.77 2.75
CA GLN A 149 1.81 3.60 3.04
C GLN A 149 1.04 3.25 4.34
N GLY A 150 1.61 2.37 5.17
CA GLY A 150 1.06 2.08 6.49
C GLY A 150 0.66 0.62 6.72
N ALA A 151 0.22 0.36 7.95
CA ALA A 151 -0.30 -0.93 8.36
C ALA A 151 -1.79 -0.74 8.68
N ARG A 152 -2.63 -1.60 8.09
CA ARG A 152 -4.07 -1.57 8.37
C ARG A 152 -4.41 -2.09 9.76
N MET A 153 -5.38 -1.43 10.40
CA MET A 153 -5.78 -1.76 11.76
C MET A 153 -7.31 -1.82 11.89
N LEU A 154 -7.80 -2.38 12.99
CA LEU A 154 -9.26 -2.46 13.24
C LEU A 154 -9.87 -1.19 13.89
N VAL A 155 -10.95 -0.68 13.30
CA VAL A 155 -11.65 0.46 13.88
C VAL A 155 -13.07 -0.03 14.19
N THR A 156 -13.42 -0.02 15.47
CA THR A 156 -14.63 -0.66 15.95
C THR A 156 -15.29 0.20 17.07
N GLN A 157 -16.51 -0.16 17.45
CA GLN A 157 -17.22 0.44 18.59
C GLN A 157 -16.91 -0.23 19.93
N LYS A 158 -16.45 -1.47 19.87
CA LYS A 158 -16.14 -2.28 21.05
C LYS A 158 -14.71 -2.80 21.00
N PRO A 159 -14.18 -3.23 22.15
CA PRO A 159 -12.81 -3.76 22.17
C PRO A 159 -12.72 -5.05 21.37
N VAL A 160 -11.54 -5.33 20.84
CA VAL A 160 -11.32 -6.55 20.11
C VAL A 160 -10.00 -7.12 20.61
N SER A 161 -10.05 -8.31 21.21
CA SER A 161 -8.83 -8.96 21.68
C SER A 161 -8.52 -10.27 20.96
N LYS A 162 -9.49 -10.79 20.22
CA LYS A 162 -9.41 -12.10 19.57
C LYS A 162 -10.43 -12.16 18.43
N PRO A 163 -10.17 -12.98 17.39
CA PRO A 163 -11.09 -13.02 16.25
C PRO A 163 -12.58 -13.17 16.60
N SER A 164 -12.93 -13.95 17.61
CA SER A 164 -14.35 -14.15 17.90
C SER A 164 -15.02 -12.83 18.33
N ASP A 165 -14.25 -11.82 18.69
CA ASP A 165 -14.83 -10.51 19.01
C ASP A 165 -15.44 -9.82 17.78
N LEU A 166 -15.15 -10.34 16.59
CA LEU A 166 -15.68 -9.77 15.36
C LEU A 166 -16.83 -10.58 14.76
N ASN A 167 -17.19 -11.69 15.40
CA ASN A 167 -18.31 -12.48 14.89
C ASN A 167 -19.57 -11.63 14.94
N GLY A 168 -20.30 -11.57 13.84
CA GLY A 168 -21.48 -10.73 13.76
C GLY A 168 -21.17 -9.27 13.49
N VAL A 169 -19.90 -8.88 13.41
CA VAL A 169 -19.57 -7.48 13.18
C VAL A 169 -19.41 -7.25 11.69
N ARG A 170 -20.16 -6.28 11.18
CA ARG A 170 -20.08 -5.93 9.77
C ARG A 170 -18.92 -4.97 9.56
N VAL A 171 -17.94 -5.39 8.76
CA VAL A 171 -16.76 -4.57 8.50
C VAL A 171 -16.76 -4.13 7.03
N ARG A 172 -16.54 -2.85 6.76
CA ARG A 172 -16.45 -2.39 5.37
C ARG A 172 -15.39 -3.19 4.63
N ALA A 173 -15.76 -3.54 3.39
CA ALA A 173 -14.91 -4.28 2.50
C ALA A 173 -14.96 -3.65 1.12
N LEU A 174 -14.45 -4.39 0.15
CA LEU A 174 -14.13 -3.83 -1.13
C LEU A 174 -14.27 -5.01 -2.03
N GLU A 175 -14.73 -4.79 -3.24
CA GLU A 175 -14.96 -5.89 -4.16
C GLU A 175 -13.63 -6.46 -4.67
N ALA A 176 -12.86 -7.06 -3.78
CA ALA A 176 -11.61 -7.74 -4.11
C ALA A 176 -11.50 -8.97 -3.21
N PRO A 177 -11.12 -10.10 -3.79
CA PRO A 177 -11.10 -11.35 -3.02
C PRO A 177 -10.22 -11.24 -1.77
N VAL A 178 -9.06 -10.59 -1.86
CA VAL A 178 -8.18 -10.52 -0.68
C VAL A 178 -8.84 -9.83 0.50
N THR A 179 -9.49 -8.71 0.24
CA THR A 179 -10.10 -7.93 1.33
C THR A 179 -11.20 -8.70 1.97
N ILE A 180 -12.02 -9.31 1.13
CA ILE A 180 -13.17 -10.07 1.56
C ILE A 180 -12.71 -11.21 2.45
N GLU A 181 -11.66 -11.92 2.01
CA GLU A 181 -11.17 -13.10 2.73
C GLU A 181 -10.48 -12.69 4.01
N THR A 182 -9.86 -11.52 3.99
CA THR A 182 -9.23 -10.97 5.19
C THR A 182 -10.24 -10.71 6.30
N ILE A 183 -11.33 -10.03 5.97
CA ILE A 183 -12.40 -9.78 6.93
C ILE A 183 -12.96 -11.13 7.43
N LYS A 184 -13.28 -12.04 6.52
CA LYS A 184 -13.78 -13.34 6.97
C LYS A 184 -12.79 -14.06 7.89
N CYS A 185 -11.52 -14.16 7.50
CA CYS A 185 -10.57 -14.97 8.25
C CYS A 185 -10.31 -14.35 9.63
N MET A 186 -10.43 -13.01 9.72
CA MET A 186 -10.33 -12.33 11.02
C MET A 186 -11.60 -12.44 11.91
N GLY A 187 -12.73 -12.79 11.30
CA GLY A 187 -13.91 -13.13 12.09
C GLY A 187 -15.13 -12.28 11.81
N GLY A 188 -14.95 -11.22 11.06
CA GLY A 188 -16.07 -10.36 10.70
C GLY A 188 -16.84 -10.77 9.46
N SER A 189 -17.83 -9.94 9.11
CA SER A 189 -18.65 -10.14 7.95
C SER A 189 -18.39 -9.00 6.97
N PRO A 190 -17.85 -9.34 5.80
CA PRO A 190 -17.45 -8.34 4.82
C PRO A 190 -18.62 -7.64 4.12
N THR A 191 -18.58 -6.32 4.16
CA THR A 191 -19.69 -5.51 3.66
C THR A 191 -19.13 -4.47 2.70
N PRO A 192 -19.14 -4.79 1.40
CA PRO A 192 -18.53 -3.89 0.42
C PRO A 192 -19.23 -2.58 0.22
N LEU A 193 -18.41 -1.54 0.20
CA LEU A 193 -18.86 -0.17 -0.08
C LEU A 193 -17.63 0.73 -0.30
N SER A 194 -17.89 1.84 -0.97
CA SER A 194 -16.82 2.76 -1.35
C SER A 194 -16.25 3.42 -0.12
N TRP A 195 -14.92 3.56 -0.06
CA TRP A 195 -14.26 4.17 1.09
C TRP A 195 -14.74 5.59 1.29
N SER A 196 -15.13 6.26 0.22
CA SER A 196 -15.62 7.61 0.32
C SER A 196 -16.94 7.64 1.06
N GLU A 197 -17.51 6.48 1.33
CA GLU A 197 -18.80 6.46 2.01
C GLU A 197 -18.73 5.80 3.40
N ILE A 198 -17.51 5.57 3.90
CA ILE A 198 -17.36 4.87 5.17
C ILE A 198 -17.98 5.61 6.37
N TYR A 199 -17.81 6.92 6.44
CA TYR A 199 -18.37 7.66 7.59
C TYR A 199 -19.91 7.51 7.63
N SER A 200 -20.61 7.81 6.54
CA SER A 200 -22.08 7.75 6.58
C SER A 200 -22.57 6.30 6.77
N SER A 201 -21.80 5.35 6.27
CA SER A 201 -22.21 3.94 6.40
C SER A 201 -22.20 3.54 7.88
N ILE A 202 -21.17 3.95 8.60
CA ILE A 202 -21.12 3.68 10.03
C ILE A 202 -22.23 4.45 10.76
N GLN A 203 -22.37 5.73 10.41
CA GLN A 203 -23.32 6.60 11.09
C GLN A 203 -24.73 6.06 10.91
N THR A 204 -25.06 5.55 9.72
CA THR A 204 -26.42 5.11 9.44
C THR A 204 -26.67 3.63 9.67
N GLY A 205 -25.65 2.90 10.08
CA GLY A 205 -25.79 1.50 10.43
C GLY A 205 -25.74 0.49 9.29
N VAL A 206 -25.20 0.88 8.14
CA VAL A 206 -24.95 -0.07 7.06
C VAL A 206 -23.83 -1.03 7.48
N VAL A 207 -22.84 -0.49 8.15
CA VAL A 207 -21.69 -1.25 8.60
C VAL A 207 -21.38 -0.87 10.06
N ASP A 208 -20.72 -1.77 10.78
CA ASP A 208 -20.35 -1.52 12.19
C ASP A 208 -18.92 -1.00 12.35
N ALA A 209 -18.02 -1.40 11.45
CA ALA A 209 -16.58 -1.26 11.68
C ALA A 209 -15.84 -1.12 10.38
N ALA A 210 -14.57 -0.75 10.49
CA ALA A 210 -13.72 -0.67 9.33
C ALA A 210 -12.35 -1.19 9.68
N GLU A 211 -11.55 -1.25 8.63
CA GLU A 211 -10.27 -1.90 8.59
C GLU A 211 -9.44 -0.99 7.70
N ALA A 212 -8.47 -0.29 8.29
CA ALA A 212 -7.65 0.64 7.50
C ALA A 212 -6.43 1.15 8.25
N GLN A 213 -5.53 1.77 7.51
CA GLN A 213 -4.32 2.40 8.06
C GLN A 213 -4.62 3.76 8.69
N PRO A 214 -3.82 4.14 9.71
CA PRO A 214 -4.11 5.35 10.49
C PRO A 214 -4.41 6.61 9.69
N THR A 215 -3.65 6.92 8.64
CA THR A 215 -3.90 8.18 7.95
C THR A 215 -5.26 8.18 7.29
N ALA A 216 -5.79 6.99 6.99
CA ALA A 216 -7.10 6.91 6.33
C ALA A 216 -8.22 6.97 7.38
N VAL A 217 -7.98 6.36 8.52
CA VAL A 217 -8.92 6.40 9.62
C VAL A 217 -9.07 7.85 10.06
N TYR A 218 -7.93 8.54 10.14
CA TYR A 218 -7.90 9.92 10.59
C TYR A 218 -8.48 10.82 9.50
N GLY A 219 -8.03 10.58 8.27
CA GLY A 219 -8.45 11.39 7.13
C GLY A 219 -9.95 11.35 6.91
N SER A 220 -10.59 10.22 7.20
CA SER A 220 -12.03 10.10 7.11
C SER A 220 -12.78 10.51 8.36
N LYS A 221 -12.05 10.95 9.39
CA LYS A 221 -12.64 11.46 10.61
C LYS A 221 -13.40 10.40 11.38
N LEU A 222 -12.97 9.16 11.27
CA LEU A 222 -13.70 8.07 11.91
C LEU A 222 -13.68 8.14 13.43
N TYR A 223 -12.71 8.84 14.00
CA TYR A 223 -12.67 8.99 15.44
C TYR A 223 -13.93 9.73 15.92
N GLU A 224 -14.67 10.36 15.02
CA GLU A 224 -15.88 11.07 15.43
C GLU A 224 -17.00 10.10 15.82
N ILE A 225 -16.94 8.85 15.32
CA ILE A 225 -18.07 7.92 15.37
C ILE A 225 -17.72 6.48 15.71
N THR A 226 -16.49 6.23 16.16
CA THR A 226 -16.05 4.93 16.59
C THR A 226 -15.25 5.15 17.88
N LYS A 227 -14.86 4.05 18.53
CA LYS A 227 -14.24 4.19 19.83
C LYS A 227 -12.92 3.43 20.04
N HIS A 228 -12.63 2.47 19.17
CA HIS A 228 -11.49 1.60 19.37
C HIS A 228 -10.66 1.43 18.13
N ILE A 229 -9.36 1.57 18.31
CA ILE A 229 -8.46 1.08 17.31
C ILE A 229 -7.69 -0.10 17.90
N THR A 230 -7.66 -1.21 17.15
CA THR A 230 -6.89 -2.37 17.55
C THR A 230 -5.78 -2.57 16.55
N LYS A 231 -4.55 -2.58 17.03
CA LYS A 231 -3.39 -2.68 16.16
C LYS A 231 -3.10 -4.13 15.69
N THR A 232 -3.99 -4.65 14.85
CA THR A 232 -3.77 -5.98 14.32
C THR A 232 -2.66 -5.95 13.26
N ASN A 233 -2.43 -4.77 12.68
CA ASN A 233 -1.46 -4.62 11.58
C ASN A 233 -1.46 -5.81 10.60
N HIS A 234 -2.65 -6.11 10.09
CA HIS A 234 -2.91 -7.34 9.39
C HIS A 234 -2.50 -7.29 7.92
N ILE A 235 -2.45 -6.08 7.36
CA ILE A 235 -2.03 -5.87 5.98
C ILE A 235 -1.05 -4.70 5.95
N HIS A 236 0.07 -4.89 5.26
CA HIS A 236 1.04 -3.84 5.02
C HIS A 236 0.96 -3.32 3.59
N LEU A 237 1.03 -2.00 3.47
CA LEU A 237 0.71 -1.35 2.22
C LEU A 237 2.01 -0.87 1.64
N MET A 238 2.49 -1.56 0.63
CA MET A 238 3.77 -1.25 0.03
C MET A 238 3.54 -0.87 -1.42
N THR A 239 4.11 0.25 -1.85
CA THR A 239 3.96 0.68 -3.24
C THR A 239 5.30 1.11 -3.83
N GLY A 240 5.28 1.42 -5.11
CA GLY A 240 6.44 1.97 -5.76
C GLY A 240 6.07 2.80 -6.99
N ILE A 241 7.04 3.55 -7.50
CA ILE A 241 6.86 4.35 -8.69
C ILE A 241 7.12 3.43 -9.87
N ILE A 242 6.05 3.09 -10.60
CA ILE A 242 6.16 2.22 -11.74
C ILE A 242 6.15 2.99 -13.05
N VAL A 243 7.12 2.71 -13.91
CA VAL A 243 7.30 3.46 -15.14
C VAL A 243 7.48 2.53 -16.34
N SER A 244 7.42 3.09 -17.53
CA SER A 244 7.72 2.36 -18.76
C SER A 244 9.17 1.94 -18.87
N GLN A 245 9.40 0.64 -19.12
CA GLN A 245 10.77 0.16 -19.33
C GLN A 245 11.32 0.75 -20.61
N LYS A 246 10.46 0.90 -21.62
CA LYS A 246 10.92 1.47 -22.89
C LYS A 246 11.34 2.95 -22.69
N TRP A 247 10.53 3.72 -22.02
CA TRP A 247 10.91 5.09 -21.71
C TRP A 247 12.22 5.13 -20.91
N LEU A 248 12.30 4.32 -19.85
CA LEU A 248 13.44 4.43 -18.93
C LEU A 248 14.70 4.06 -19.69
N SER A 249 14.61 3.00 -20.47
CA SER A 249 15.76 2.54 -21.27
C SER A 249 16.18 3.52 -22.35
N SER A 250 15.32 4.48 -22.71
CA SER A 250 15.67 5.47 -23.74
C SER A 250 16.53 6.61 -23.17
N LEU A 251 16.58 6.69 -21.84
CA LEU A 251 17.39 7.71 -21.16
C LEU A 251 18.84 7.25 -21.09
N THR A 252 19.76 8.15 -20.71
CA THR A 252 21.14 7.73 -20.56
C THR A 252 21.33 6.89 -19.30
N ALA A 253 22.37 6.06 -19.28
CA ALA A 253 22.68 5.28 -18.07
C ALA A 253 22.70 6.15 -16.81
N GLU A 254 23.28 7.34 -16.93
CA GLU A 254 23.47 8.21 -15.79
C GLU A 254 22.09 8.69 -15.29
N GLN A 255 21.19 8.95 -16.22
CA GLN A 255 19.86 9.45 -15.90
C GLN A 255 19.02 8.36 -15.27
N GLN A 256 19.14 7.15 -15.82
CA GLN A 256 18.52 5.96 -15.23
C GLN A 256 18.93 5.71 -13.78
N THR A 257 20.23 5.77 -13.49
CA THR A 257 20.67 5.44 -12.14
C THR A 257 20.26 6.53 -11.15
N ILE A 258 20.28 7.79 -11.59
CA ILE A 258 19.81 8.88 -10.75
C ILE A 258 18.35 8.63 -10.38
N LEU A 259 17.54 8.29 -11.37
CA LEU A 259 16.12 8.09 -11.15
C LEU A 259 15.93 6.96 -10.12
N ARG A 260 16.64 5.85 -10.30
CA ARG A 260 16.47 4.68 -9.44
C ARG A 260 17.05 4.94 -8.04
N GLU A 261 18.21 5.60 -7.98
CA GLU A 261 18.81 5.96 -6.68
C GLU A 261 17.88 6.86 -5.89
N GLU A 262 17.39 7.92 -6.54
CA GLU A 262 16.50 8.86 -5.88
C GLU A 262 15.14 8.28 -5.50
N ALA A 263 14.61 7.34 -6.29
CA ALA A 263 13.33 6.75 -5.96
C ALA A 263 13.46 5.95 -4.65
N GLN A 264 14.51 5.14 -4.56
CA GLN A 264 14.74 4.32 -3.37
C GLN A 264 15.03 5.19 -2.15
N LYS A 265 15.92 6.17 -2.28
CA LYS A 265 16.31 7.00 -1.15
C LYS A 265 15.08 7.73 -0.62
N ASN A 266 14.32 8.34 -1.52
CA ASN A 266 13.15 9.11 -1.15
C ASN A 266 11.93 8.26 -0.75
N GLY A 267 11.80 7.07 -1.32
CA GLY A 267 10.81 6.14 -0.81
C GLY A 267 11.07 5.82 0.67
N ASP A 268 12.34 5.66 1.05
CA ASP A 268 12.62 5.40 2.48
C ASP A 268 12.17 6.60 3.34
N ILE A 269 12.52 7.79 2.89
CA ILE A 269 12.12 8.99 3.60
C ILE A 269 10.59 9.09 3.74
N ALA A 270 9.88 8.88 2.64
CA ALA A 270 8.44 8.98 2.66
C ALA A 270 7.89 7.95 3.66
N SER A 271 8.49 6.75 3.66
CA SER A 271 8.05 5.64 4.51
C SER A 271 8.14 5.99 5.98
N GLU A 272 9.29 6.54 6.39
CA GLU A 272 9.48 6.93 7.77
C GLU A 272 8.47 8.03 8.11
N ASN A 273 8.17 8.90 7.16
CA ASN A 273 7.24 9.98 7.40
C ASN A 273 5.79 9.49 7.52
N THR A 274 5.48 8.41 6.79
CA THR A 274 4.20 7.78 6.90
C THR A 274 4.02 7.22 8.30
N ILE A 275 5.05 6.56 8.78
CA ILE A 275 5.02 5.92 10.10
C ILE A 275 4.93 7.00 11.16
N LEU A 276 5.75 8.04 11.02
CA LEU A 276 5.70 9.17 11.96
C LEU A 276 4.29 9.77 12.02
N ALA A 277 3.71 10.00 10.84
CA ALA A 277 2.40 10.61 10.74
C ALA A 277 1.35 9.69 11.34
N GLY A 278 1.46 8.40 10.99
CA GLY A 278 0.57 7.39 11.54
C GLY A 278 0.53 7.42 13.07
N ASP A 279 1.71 7.33 13.69
CA ASP A 279 1.84 7.39 15.15
C ASP A 279 1.19 8.65 15.73
N LYS A 280 1.50 9.80 15.12
CA LYS A 280 0.95 11.02 15.65
C LYS A 280 -0.57 11.09 15.41
N MET A 281 -1.07 10.57 14.30
CA MET A 281 -2.52 10.56 14.12
C MET A 281 -3.20 9.71 15.17
N LEU A 282 -2.60 8.55 15.47
CA LEU A 282 -3.09 7.70 16.54
C LEU A 282 -3.07 8.43 17.87
N ASP A 283 -1.97 9.11 18.18
CA ASP A 283 -1.91 9.88 19.40
C ASP A 283 -3.03 10.92 19.41
N GLU A 284 -3.25 11.62 18.30
CA GLU A 284 -4.30 12.65 18.27
C GLU A 284 -5.70 12.07 18.53
N MET A 285 -5.96 10.88 17.99
CA MET A 285 -7.27 10.25 18.16
C MET A 285 -7.46 9.76 19.59
N ALA A 286 -6.38 9.26 20.19
CA ALA A 286 -6.48 8.87 21.60
C ALA A 286 -6.83 10.11 22.42
N LYS A 287 -6.38 11.28 21.99
CA LYS A 287 -6.70 12.52 22.73
C LYS A 287 -8.04 13.13 22.33
N LYS A 288 -8.76 12.42 21.47
CA LYS A 288 -10.10 12.80 21.05
C LYS A 288 -11.09 11.75 21.54
N GLY A 289 -10.65 10.92 22.48
CA GLY A 289 -11.54 10.00 23.16
C GLY A 289 -11.44 8.55 22.75
N MET A 290 -10.68 8.24 21.70
CA MET A 290 -10.53 6.86 21.22
C MET A 290 -9.62 6.05 22.14
N THR A 291 -9.78 4.74 22.15
CA THR A 291 -8.81 3.89 22.82
C THR A 291 -8.00 3.09 21.78
N ILE A 292 -6.69 3.17 21.83
CA ILE A 292 -5.82 2.44 20.93
C ILE A 292 -5.20 1.26 21.69
N SER A 293 -5.40 0.03 21.22
CA SER A 293 -4.86 -1.16 21.89
C SER A 293 -4.01 -2.05 20.99
N GLU A 294 -2.94 -2.57 21.57
CA GLU A 294 -2.17 -3.66 20.99
C GLU A 294 -3.03 -4.92 21.14
N VAL A 295 -2.59 -5.98 20.48
CA VAL A 295 -3.32 -7.24 20.48
C VAL A 295 -2.37 -8.39 20.21
N ASP A 296 -2.65 -9.53 20.83
CA ASP A 296 -1.95 -10.77 20.54
C ASP A 296 -2.44 -11.19 19.16
N THR A 297 -1.60 -11.04 18.15
CA THR A 297 -1.99 -11.40 16.80
C THR A 297 -2.04 -12.92 16.53
N GLN A 298 -1.52 -13.74 17.43
CA GLN A 298 -1.30 -15.14 17.05
C GLN A 298 -2.60 -15.85 16.62
N PRO A 299 -3.70 -15.64 17.36
CA PRO A 299 -4.96 -16.27 16.93
C PRO A 299 -5.44 -15.77 15.56
N PHE A 300 -5.24 -14.49 15.27
CA PHE A 300 -5.58 -13.95 13.95
C PHE A 300 -4.71 -14.59 12.90
N ILE A 301 -3.42 -14.71 13.19
CA ILE A 301 -2.49 -15.36 12.26
C ILE A 301 -2.95 -16.78 11.96
N ASP A 302 -3.20 -17.56 12.99
CA ASP A 302 -3.54 -18.95 12.75
C ASP A 302 -4.83 -19.05 11.97
N GLY A 303 -5.78 -18.16 12.28
CA GLY A 303 -7.07 -18.19 11.62
C GLY A 303 -7.01 -17.76 10.15
N CYS A 304 -5.93 -17.08 9.76
CA CYS A 304 -5.75 -16.57 8.39
C CYS A 304 -4.70 -17.35 7.56
N ARG A 305 -4.17 -18.43 8.11
CA ARG A 305 -3.17 -19.20 7.37
C ARG A 305 -3.69 -19.87 6.09
N TYR A 306 -4.98 -20.18 6.04
CA TYR A 306 -5.58 -20.74 4.82
C TYR A 306 -5.69 -19.74 3.66
N VAL A 307 -5.56 -18.45 3.92
CA VAL A 307 -5.92 -17.46 2.89
C VAL A 307 -5.13 -17.57 1.57
N PRO A 308 -3.78 -17.54 1.64
CA PRO A 308 -3.06 -17.65 0.37
C PRO A 308 -3.49 -18.85 -0.48
N GLU A 309 -3.67 -20.02 0.11
CA GLU A 309 -4.15 -21.15 -0.66
C GLU A 309 -5.55 -20.92 -1.24
N LYS A 310 -6.49 -20.41 -0.43
CA LYS A 310 -7.85 -20.18 -0.94
C LYS A 310 -7.81 -19.25 -2.15
N LEU A 311 -6.92 -18.27 -2.12
CA LEU A 311 -6.85 -17.27 -3.17
C LEU A 311 -5.96 -17.72 -4.34
N GLY A 312 -5.45 -18.95 -4.29
CA GLY A 312 -4.56 -19.45 -5.33
C GLY A 312 -3.16 -18.88 -5.35
N LEU A 313 -2.68 -18.34 -4.23
CA LEU A 313 -1.38 -17.66 -4.18
C LEU A 313 -0.29 -18.48 -3.43
N SER A 314 -0.45 -19.81 -3.33
CA SER A 314 0.51 -20.64 -2.58
C SER A 314 1.94 -20.52 -3.06
N GLU A 315 2.13 -20.46 -4.37
CA GLU A 315 3.47 -20.45 -4.92
C GLU A 315 4.18 -19.18 -4.43
N ALA A 316 3.50 -18.05 -4.53
CA ALA A 316 4.05 -16.78 -4.08
C ALA A 316 4.34 -16.80 -2.57
N TYR A 317 3.38 -17.30 -1.78
CA TYR A 317 3.51 -17.35 -0.33
C TYR A 317 4.73 -18.22 0.07
N LYS A 318 4.91 -19.32 -0.63
CA LYS A 318 6.01 -20.24 -0.34
C LYS A 318 7.36 -19.55 -0.65
N GLN A 319 7.40 -18.75 -1.73
CA GLN A 319 8.61 -18.01 -2.07
C GLN A 319 8.90 -16.89 -1.06
N VAL A 320 7.85 -16.26 -0.54
CA VAL A 320 8.03 -15.25 0.49
C VAL A 320 8.61 -15.87 1.73
N ASN A 321 8.05 -17.01 2.14
CA ASN A 321 8.51 -17.69 3.34
C ASN A 321 9.90 -18.29 3.19
N SER A 322 10.35 -18.51 1.95
CA SER A 322 11.71 -18.99 1.75
C SER A 322 12.66 -17.90 2.23
N ILE A 323 12.18 -16.67 2.24
CA ILE A 323 13.01 -15.51 2.58
C ILE A 323 12.89 -15.11 4.05
N ILE A 324 11.67 -15.01 4.55
CA ILE A 324 11.44 -14.39 5.86
C ILE A 324 11.14 -15.41 6.95
#